data_4AJR
#
_entry.id   4AJR
#
_cell.length_a   105.788
_cell.length_b   105.788
_cell.length_c   145.488
_cell.angle_alpha   90.00
_cell.angle_beta   90.00
_cell.angle_gamma   90.00
#
_symmetry.space_group_name_H-M   'P 43 21 2'
#
loop_
_entity.id
_entity.type
_entity.pdbx_description
1 polymer 'ISOCITRATE DEHYDROGENASE [NADP]'
2 non-polymer 'BETA-NICOTINAMIDE RIBOSE MONOPHOSPHATE'
3 non-polymer 'NADP NICOTINAMIDE-ADENINE-DINUCLEOTIDE PHOSPHATE'
4 non-polymer '2-OXOGLUTARIC ACID'
5 non-polymer 'MAGNESIUM ION'
6 water water
#
_entity_poly.entity_id   1
_entity_poly.type   'polypeptide(L)'
_entity_poly.pdbx_seq_one_letter_code
;MESKVVVPAQGKKITLQNGKLNVPENPIIPYIEGDGIGVDVTPAMLKVVDAAVEKAYKGERKISWMEIYTGEKSTQVYGQ
DVWLPAETLDLIREYRVAIMGPLTTPVGGGIRSLNVALRQELDLYICLRPVRYYQGTPSPVKHPELTDMVIFRENSEDIY
AGIEWKADSADAEKVIKFLREEMGVKKIRFPEHCGIGIKPCSEEGTKRLVRAAIEYAIANDRDSVTLVHKGNIMKFTEGA
FKDWGYQLAREEFGGELIDGGPWLKVKNPNTGKEIVIKDVIADAFLQQILLRPAEYDVIACMNLNGDYISDALAAQVGGI
GIAPGANIGDECALFEATHGTAPKYAGQDKVNPGSIILSAEMMLRHMGWTEAADLIVKGMEGAINAKTVTYDFERLMDGA
KLLKCSEFGDAIIENM
;
_entity_poly.pdbx_strand_id   A
#
# COMPACT_ATOMS: atom_id res chain seq x y z
N GLU A 2 -7.00 17.23 -25.52
CA GLU A 2 -7.02 18.53 -24.84
C GLU A 2 -7.01 18.37 -23.32
N SER A 3 -5.95 18.83 -22.68
CA SER A 3 -5.80 18.69 -21.24
C SER A 3 -6.93 19.35 -20.45
N LYS A 4 -7.33 18.72 -19.34
CA LYS A 4 -8.43 19.23 -18.54
C LYS A 4 -7.94 19.58 -17.14
N VAL A 5 -6.65 19.30 -16.91
CA VAL A 5 -6.00 19.56 -15.65
C VAL A 5 -5.49 21.00 -15.62
N VAL A 6 -5.67 21.67 -14.48
CA VAL A 6 -5.15 23.01 -14.28
C VAL A 6 -3.89 22.95 -13.43
N VAL A 7 -2.77 23.41 -13.98
CA VAL A 7 -1.54 23.48 -13.21
C VAL A 7 -1.57 24.73 -12.32
N PRO A 8 -1.42 24.54 -10.99
CA PRO A 8 -1.53 25.67 -10.05
C PRO A 8 -0.58 26.81 -10.43
N ALA A 9 -1.08 28.03 -10.36
CA ALA A 9 -0.26 29.18 -10.73
C ALA A 9 0.90 29.36 -9.74
N GLN A 10 0.63 29.17 -8.46
CA GLN A 10 1.58 29.55 -7.42
C GLN A 10 2.37 28.39 -6.83
N GLY A 11 2.59 27.34 -7.60
CA GLY A 11 3.36 26.21 -7.10
C GLY A 11 4.59 25.86 -7.93
N LYS A 12 5.48 25.05 -7.36
CA LYS A 12 6.65 24.59 -8.08
C LYS A 12 6.77 23.04 -8.10
N LYS A 13 7.34 22.52 -9.17
CA LYS A 13 7.50 21.07 -9.32
C LYS A 13 8.59 20.48 -8.41
N ILE A 14 8.29 19.34 -7.79
CA ILE A 14 9.32 18.59 -7.08
C ILE A 14 10.26 17.97 -8.10
N THR A 15 11.56 17.95 -7.81
CA THR A 15 12.54 17.36 -8.74
C THR A 15 13.33 16.27 -8.03
N LEU A 16 14.05 15.45 -8.78
CA LEU A 16 14.81 14.35 -8.19
C LEU A 16 16.30 14.49 -8.48
N GLN A 17 16.96 15.38 -7.75
CA GLN A 17 18.40 15.62 -7.90
C GLN A 17 19.23 14.48 -7.31
N ASN A 18 19.87 13.72 -8.20
CA ASN A 18 20.63 12.52 -7.82
C ASN A 18 19.66 11.38 -7.59
N GLY A 19 19.64 10.88 -6.36
CA GLY A 19 18.63 9.93 -5.94
C GLY A 19 17.73 10.57 -4.91
N LYS A 20 18.00 11.84 -4.61
CA LYS A 20 17.29 12.56 -3.56
C LYS A 20 16.23 13.51 -4.11
N LEU A 21 15.14 13.67 -3.35
CA LEU A 21 14.09 14.59 -3.75
C LEU A 21 14.44 16.04 -3.40
N ASN A 22 14.15 16.95 -4.30
CA ASN A 22 14.24 18.36 -3.99
C ASN A 22 12.83 18.93 -3.89
N VAL A 23 12.39 19.11 -2.66
CA VAL A 23 11.04 19.54 -2.38
C VAL A 23 11.06 21.02 -2.09
N PRO A 24 10.36 21.80 -2.92
CA PRO A 24 10.33 23.24 -2.68
C PRO A 24 9.36 23.56 -1.55
N GLU A 25 9.17 24.84 -1.26
CA GLU A 25 8.26 25.24 -0.21
C GLU A 25 6.82 25.21 -0.65
N ASN A 26 6.63 25.35 -1.96
CA ASN A 26 5.30 25.39 -2.57
C ASN A 26 5.15 24.27 -3.59
N PRO A 27 5.23 23.02 -3.11
CA PRO A 27 5.23 21.89 -4.05
C PRO A 27 3.84 21.65 -4.67
N ILE A 28 3.81 21.34 -5.96
CA ILE A 28 2.56 20.92 -6.58
C ILE A 28 2.39 19.43 -6.36
N ILE A 29 1.31 19.07 -5.69
CA ILE A 29 0.97 17.67 -5.48
C ILE A 29 -0.33 17.28 -6.20
N PRO A 30 -0.20 16.42 -7.23
CA PRO A 30 -1.36 15.84 -7.90
C PRO A 30 -2.12 14.94 -6.93
N TYR A 31 -3.44 15.03 -6.94
CA TYR A 31 -4.25 14.06 -6.24
C TYR A 31 -5.41 13.57 -7.10
N ILE A 32 -5.75 12.30 -6.91
CA ILE A 32 -6.95 11.72 -7.48
C ILE A 32 -7.99 11.54 -6.36
N GLU A 33 -9.19 12.06 -6.58
CA GLU A 33 -10.23 11.98 -5.59
C GLU A 33 -10.56 10.54 -5.18
N GLY A 34 -10.74 9.67 -6.17
CA GLY A 34 -11.13 8.28 -5.94
C GLY A 34 -12.62 8.04 -6.12
N ASP A 35 -12.99 6.80 -6.43
CA ASP A 35 -14.40 6.44 -6.55
C ASP A 35 -14.98 6.20 -5.16
N GLY A 36 -16.30 5.98 -5.10
CA GLY A 36 -16.94 5.55 -3.87
C GLY A 36 -16.73 6.51 -2.71
N ILE A 37 -16.23 5.95 -1.61
CA ILE A 37 -15.93 6.73 -0.41
C ILE A 37 -14.79 7.76 -0.62
N GLY A 38 -14.04 7.62 -1.71
CA GLY A 38 -13.07 8.64 -2.09
C GLY A 38 -13.67 10.03 -1.98
N VAL A 39 -14.94 10.16 -2.38
CA VAL A 39 -15.64 11.43 -2.29
C VAL A 39 -15.72 11.94 -0.86
N ASP A 40 -15.70 11.03 0.12
CA ASP A 40 -15.76 11.47 1.51
C ASP A 40 -14.37 11.70 2.05
N VAL A 41 -13.55 10.67 1.99
CA VAL A 41 -12.25 10.70 2.66
C VAL A 41 -11.30 11.74 2.09
N THR A 42 -11.37 12.01 0.80
CA THR A 42 -10.36 12.88 0.19
C THR A 42 -10.43 14.34 0.64
N PRO A 43 -11.62 14.95 0.57
CA PRO A 43 -11.77 16.33 1.04
C PRO A 43 -11.23 16.48 2.46
N ALA A 44 -11.47 15.43 3.27
CA ALA A 44 -11.04 15.41 4.66
C ALA A 44 -9.51 15.36 4.79
N MET A 45 -8.87 14.57 3.94
CA MET A 45 -7.42 14.51 3.90
C MET A 45 -6.84 15.88 3.51
N LEU A 46 -7.44 16.54 2.53
CA LEU A 46 -6.92 17.84 2.10
C LEU A 46 -6.96 18.84 3.25
N LYS A 47 -8.08 18.86 3.94
CA LYS A 47 -8.31 19.78 5.03
C LYS A 47 -7.26 19.53 6.11
N VAL A 48 -7.08 18.27 6.47
CA VAL A 48 -6.20 17.92 7.57
C VAL A 48 -4.74 18.14 7.22
N VAL A 49 -4.35 17.78 6.00
CA VAL A 49 -2.97 18.02 5.58
C VAL A 49 -2.65 19.50 5.53
N ASP A 50 -3.54 20.30 4.95
CA ASP A 50 -3.33 21.74 4.90
C ASP A 50 -3.12 22.34 6.28
N ALA A 51 -3.85 21.81 7.25
CA ALA A 51 -3.79 22.27 8.62
C ALA A 51 -2.45 21.92 9.25
N ALA A 52 -2.01 20.68 9.05
CA ALA A 52 -0.76 20.25 9.63
C ALA A 52 0.38 21.05 9.04
N VAL A 53 0.34 21.30 7.74
CA VAL A 53 1.40 22.04 7.11
C VAL A 53 1.40 23.47 7.60
N GLU A 54 0.21 24.06 7.68
CA GLU A 54 0.09 25.41 8.20
C GLU A 54 0.66 25.52 9.61
N LYS A 55 0.24 24.65 10.52
CA LYS A 55 0.73 24.69 11.89
C LYS A 55 2.22 24.41 12.05
N ALA A 56 2.76 23.49 11.27
CA ALA A 56 4.16 23.12 11.42
C ALA A 56 5.13 24.20 10.95
N TYR A 57 4.72 24.96 9.93
CA TYR A 57 5.65 25.82 9.21
C TYR A 57 5.09 27.24 9.09
N LYS A 58 4.01 27.48 9.82
CA LYS A 58 3.39 28.80 9.92
C LYS A 58 3.34 29.62 8.62
N GLY A 59 3.01 28.99 7.51
CA GLY A 59 2.82 29.74 6.27
C GLY A 59 4.04 29.69 5.38
N GLU A 60 5.19 29.34 5.95
CA GLU A 60 6.40 29.22 5.15
C GLU A 60 6.19 28.24 4.00
N ARG A 61 5.48 27.14 4.28
CA ARG A 61 5.24 26.12 3.27
C ARG A 61 3.76 25.93 3.00
N LYS A 62 3.44 25.49 1.79
CA LYS A 62 2.07 25.22 1.43
C LYS A 62 2.05 24.29 0.22
N ILE A 63 1.07 23.40 0.18
CA ILE A 63 0.92 22.53 -0.97
C ILE A 63 -0.02 23.14 -2.00
N SER A 64 0.42 23.13 -3.25
CA SER A 64 -0.47 23.50 -4.34
C SER A 64 -1.08 22.24 -4.89
N TRP A 65 -2.29 21.95 -4.43
CA TRP A 65 -2.99 20.74 -4.83
C TRP A 65 -3.42 20.83 -6.27
N MET A 66 -3.09 19.81 -7.03
CA MET A 66 -3.53 19.74 -8.41
C MET A 66 -4.34 18.48 -8.66
N GLU A 67 -5.61 18.65 -8.96
CA GLU A 67 -6.46 17.50 -9.22
C GLU A 67 -6.21 16.84 -10.58
N ILE A 68 -6.06 15.52 -10.59
CA ILE A 68 -5.97 14.77 -11.83
C ILE A 68 -6.96 13.61 -11.78
N TYR A 69 -7.19 12.96 -12.92
CA TYR A 69 -8.36 12.11 -13.05
C TYR A 69 -8.10 10.67 -13.37
N THR A 70 -8.86 9.81 -12.70
CA THR A 70 -8.87 8.40 -13.01
C THR A 70 -10.21 7.88 -12.51
N GLY A 71 -10.74 6.87 -13.18
CA GLY A 71 -12.00 6.26 -12.79
C GLY A 71 -13.23 6.99 -13.28
N GLU A 72 -14.31 6.83 -12.54
CA GLU A 72 -15.58 7.43 -12.90
C GLU A 72 -15.48 8.90 -13.25
N LYS A 73 -14.74 9.65 -12.44
CA LYS A 73 -14.71 11.09 -12.58
C LYS A 73 -13.99 11.42 -13.88
N SER A 74 -13.04 10.58 -14.24
CA SER A 74 -12.29 10.76 -15.47
C SER A 74 -13.22 10.63 -16.68
N THR A 75 -14.22 9.77 -16.58
CA THR A 75 -15.15 9.59 -17.69
C THR A 75 -16.08 10.80 -17.81
N GLN A 76 -16.40 11.41 -16.68
CA GLN A 76 -17.28 12.58 -16.66
C GLN A 76 -16.55 13.82 -17.12
N VAL A 77 -15.23 13.73 -17.25
CA VAL A 77 -14.43 14.90 -17.56
C VAL A 77 -13.95 14.78 -18.99
N TYR A 78 -13.49 13.59 -19.35
CA TYR A 78 -12.87 13.37 -20.65
C TYR A 78 -13.83 12.69 -21.64
N GLY A 79 -14.95 12.21 -21.14
CA GLY A 79 -15.90 11.49 -21.96
C GLY A 79 -15.90 10.03 -21.58
N GLN A 80 -16.92 9.29 -22.01
CA GLN A 80 -17.00 7.88 -21.64
C GLN A 80 -15.79 7.15 -22.17
N ASP A 81 -15.50 6.00 -21.58
CA ASP A 81 -14.45 5.14 -22.11
C ASP A 81 -13.04 5.59 -21.70
N VAL A 82 -12.90 6.83 -21.25
CA VAL A 82 -11.59 7.24 -20.74
C VAL A 82 -11.54 7.15 -19.23
N TRP A 83 -11.05 6.00 -18.77
CA TRP A 83 -10.98 5.65 -17.37
C TRP A 83 -9.62 6.03 -16.80
N LEU A 84 -8.59 5.89 -17.64
CA LEU A 84 -7.25 6.23 -17.26
C LEU A 84 -6.55 7.02 -18.37
N PRO A 85 -6.76 8.35 -18.38
CA PRO A 85 -6.10 9.26 -19.33
C PRO A 85 -4.56 9.18 -19.27
N ALA A 86 -3.92 9.09 -20.43
CA ALA A 86 -2.46 9.06 -20.52
C ALA A 86 -1.81 10.21 -19.73
N GLU A 87 -2.47 11.37 -19.76
CA GLU A 87 -2.07 12.55 -19.02
C GLU A 87 -1.72 12.17 -17.57
N THR A 88 -2.64 11.46 -16.93
CA THR A 88 -2.52 11.11 -15.53
C THR A 88 -1.21 10.38 -15.25
N LEU A 89 -0.93 9.36 -16.05
CA LEU A 89 0.34 8.66 -15.90
C LEU A 89 1.52 9.62 -16.04
N ASP A 90 1.42 10.56 -16.96
CA ASP A 90 2.52 11.47 -17.23
C ASP A 90 2.71 12.45 -16.10
N LEU A 91 1.59 12.92 -15.58
CA LEU A 91 1.58 13.89 -14.50
C LEU A 91 2.17 13.38 -13.20
N ILE A 92 1.94 12.10 -12.89
CA ILE A 92 2.47 11.51 -11.68
C ILE A 92 3.97 11.29 -11.79
N ARG A 93 4.42 10.88 -12.98
CA ARG A 93 5.86 10.68 -13.19
C ARG A 93 6.55 12.04 -13.15
N GLU A 94 5.90 13.05 -13.69
CA GLU A 94 6.48 14.38 -13.78
C GLU A 94 6.61 15.05 -12.43
N TYR A 95 5.57 14.91 -11.60
CA TYR A 95 5.52 15.60 -10.32
C TYR A 95 6.02 14.78 -9.13
N ARG A 96 6.36 13.52 -9.39
CA ARG A 96 7.13 12.67 -8.45
C ARG A 96 6.37 12.15 -7.23
N VAL A 97 5.48 12.96 -6.69
CA VAL A 97 4.76 12.61 -5.47
C VAL A 97 3.29 12.92 -5.68
N ALA A 98 2.44 11.93 -5.41
CA ALA A 98 1.01 12.07 -5.62
C ALA A 98 0.25 11.19 -4.64
N ILE A 99 -1.04 11.46 -4.52
CA ILE A 99 -1.90 10.73 -3.62
C ILE A 99 -3.26 10.44 -4.26
N MET A 100 -3.85 9.28 -3.97
CA MET A 100 -5.17 8.99 -4.52
C MET A 100 -6.16 8.38 -3.56
N GLY A 101 -7.43 8.62 -3.84
CA GLY A 101 -8.50 7.86 -3.22
C GLY A 101 -8.56 6.47 -3.81
N PRO A 102 -9.49 5.64 -3.29
CA PRO A 102 -9.66 4.28 -3.79
C PRO A 102 -10.34 4.25 -5.18
N LEU A 103 -10.07 3.19 -5.94
CA LEU A 103 -10.62 3.05 -7.28
C LEU A 103 -11.37 1.72 -7.45
N THR A 104 -12.55 1.78 -8.05
CA THR A 104 -13.40 0.59 -8.18
C THR A 104 -12.97 -0.35 -9.30
N THR A 105 -12.81 -1.63 -8.93
CA THR A 105 -12.54 -2.70 -9.90
C THR A 105 -13.70 -3.71 -9.93
N PRO A 106 -14.35 -3.84 -11.09
CA PRO A 106 -15.48 -4.79 -11.22
C PRO A 106 -15.07 -6.25 -11.04
N VAL A 107 -15.91 -7.02 -10.36
CA VAL A 107 -15.64 -8.43 -10.09
C VAL A 107 -16.27 -9.35 -11.14
N GLY A 108 -15.45 -10.17 -11.79
CA GLY A 108 -15.93 -11.16 -12.74
C GLY A 108 -15.93 -10.77 -14.21
N GLY A 109 -15.71 -9.48 -14.45
CA GLY A 109 -15.73 -8.91 -15.79
C GLY A 109 -15.50 -7.41 -15.68
N GLY A 110 -15.79 -6.67 -16.76
CA GLY A 110 -15.49 -5.23 -16.77
C GLY A 110 -14.01 -4.89 -16.92
N ILE A 111 -13.67 -3.62 -16.70
CA ILE A 111 -12.28 -3.20 -16.87
C ILE A 111 -11.38 -3.86 -15.85
N ARG A 112 -10.10 -4.05 -16.21
CA ARG A 112 -9.10 -4.47 -15.24
C ARG A 112 -8.77 -3.34 -14.27
N SER A 113 -8.31 -3.72 -13.09
CA SER A 113 -7.99 -2.78 -12.01
C SER A 113 -7.16 -1.59 -12.45
N LEU A 114 -7.68 -0.40 -12.20
CA LEU A 114 -6.97 0.83 -12.49
C LEU A 114 -5.80 0.99 -11.52
N ASN A 115 -5.98 0.44 -10.33
CA ASN A 115 -4.90 0.46 -9.36
C ASN A 115 -3.75 -0.33 -9.90
N VAL A 116 -4.05 -1.48 -10.48
CA VAL A 116 -3.00 -2.35 -10.99
C VAL A 116 -2.37 -1.70 -12.22
N ALA A 117 -3.21 -1.03 -12.99
CA ALA A 117 -2.76 -0.32 -14.18
C ALA A 117 -1.74 0.76 -13.81
N LEU A 118 -2.11 1.62 -12.86
CA LEU A 118 -1.20 2.64 -12.36
C LEU A 118 0.09 2.02 -11.85
N ARG A 119 -0.04 1.00 -10.99
CA ARG A 119 1.13 0.34 -10.43
C ARG A 119 2.02 -0.21 -11.54
N GLN A 120 1.44 -0.98 -12.44
CA GLN A 120 2.22 -1.59 -13.52
C GLN A 120 2.79 -0.58 -14.51
N GLU A 121 1.95 0.37 -14.93
CA GLU A 121 2.36 1.38 -15.90
C GLU A 121 3.46 2.32 -15.38
N LEU A 122 3.44 2.63 -14.09
CA LEU A 122 4.47 3.50 -13.50
C LEU A 122 5.59 2.71 -12.85
N ASP A 123 5.48 1.38 -12.91
CA ASP A 123 6.45 0.48 -12.31
C ASP A 123 6.71 0.82 -10.83
N LEU A 124 5.63 1.04 -10.10
CA LEU A 124 5.67 1.19 -8.66
C LEU A 124 5.71 -0.19 -7.99
N TYR A 125 6.90 -0.77 -7.93
CA TYR A 125 7.03 -2.18 -7.61
C TYR A 125 6.92 -2.46 -6.11
N ILE A 126 6.93 -1.40 -5.33
CA ILE A 126 6.79 -1.52 -3.89
C ILE A 126 5.43 -1.08 -3.41
N CYS A 127 4.70 -1.97 -2.76
CA CYS A 127 3.52 -1.56 -2.03
C CYS A 127 3.90 -1.61 -0.57
N LEU A 128 4.05 -0.43 0.02
CA LEU A 128 4.52 -0.32 1.40
C LEU A 128 3.38 0.00 2.37
N ARG A 129 3.11 -0.93 3.28
CA ARG A 129 2.00 -0.77 4.22
C ARG A 129 2.41 -0.97 5.67
N PRO A 130 2.63 0.13 6.40
CA PRO A 130 2.96 0.01 7.82
C PRO A 130 1.68 -0.22 8.63
N VAL A 131 1.74 -1.19 9.54
CA VAL A 131 0.62 -1.45 10.43
C VAL A 131 1.08 -1.35 11.88
N ARG A 132 0.60 -0.31 12.55
CA ARG A 132 0.93 -0.07 13.94
C ARG A 132 -0.30 0.29 14.73
N TYR A 133 -0.22 0.11 16.04
CA TYR A 133 -1.32 0.44 16.93
C TYR A 133 -1.31 1.91 17.39
N TYR A 134 -2.45 2.56 17.28
CA TYR A 134 -2.61 3.90 17.81
C TYR A 134 -3.31 3.77 19.14
N GLN A 135 -2.65 4.24 20.18
CA GLN A 135 -3.17 4.17 21.55
C GLN A 135 -4.63 4.62 21.62
N GLY A 136 -5.46 3.76 22.18
CA GLY A 136 -6.85 4.10 22.40
C GLY A 136 -7.77 3.57 21.32
N THR A 137 -7.18 2.97 20.29
CA THR A 137 -7.96 2.39 19.20
C THR A 137 -8.66 1.11 19.65
N PRO A 138 -9.97 1.00 19.41
CA PRO A 138 -10.65 -0.24 19.78
C PRO A 138 -10.12 -1.38 18.90
N SER A 139 -10.26 -2.62 19.36
CA SER A 139 -9.70 -3.75 18.64
C SER A 139 -10.34 -5.04 19.14
N PRO A 140 -10.42 -6.06 18.28
CA PRO A 140 -11.04 -7.31 18.74
C PRO A 140 -10.00 -8.24 19.37
N VAL A 141 -8.73 -7.92 19.25
CA VAL A 141 -7.71 -8.69 19.92
C VAL A 141 -7.37 -8.03 21.26
N LYS A 142 -6.79 -8.84 22.15
CA LYS A 142 -6.53 -8.41 23.52
C LYS A 142 -5.33 -7.51 23.59
N HIS A 143 -4.30 -7.79 22.81
CA HIS A 143 -3.06 -7.01 22.89
C HIS A 143 -2.61 -6.41 21.55
N PRO A 144 -3.35 -5.42 21.05
CA PRO A 144 -3.07 -4.80 19.75
C PRO A 144 -1.74 -4.06 19.75
N GLU A 145 -1.26 -3.68 20.92
CA GLU A 145 -0.04 -2.89 21.01
C GLU A 145 1.16 -3.71 20.59
N LEU A 146 0.97 -5.02 20.54
CA LEU A 146 2.03 -5.93 20.13
C LEU A 146 2.28 -5.89 18.62
N THR A 147 1.32 -5.37 17.87
CA THR A 147 1.44 -5.33 16.42
C THR A 147 2.14 -4.06 15.94
N ASP A 148 3.38 -4.18 15.50
CA ASP A 148 4.09 -3.06 14.90
C ASP A 148 4.87 -3.53 13.71
N MET A 149 4.21 -3.66 12.57
CA MET A 149 4.86 -4.26 11.42
C MET A 149 4.87 -3.34 10.21
N VAL A 150 5.68 -3.72 9.23
CA VAL A 150 5.74 -2.98 7.98
C VAL A 150 5.75 -3.98 6.83
N ILE A 151 4.74 -3.90 5.98
CA ILE A 151 4.61 -4.81 4.87
C ILE A 151 5.27 -4.24 3.62
N PHE A 152 6.22 -4.98 3.07
CA PHE A 152 6.74 -4.75 1.73
C PHE A 152 6.13 -5.78 0.78
N ARG A 153 5.23 -5.32 -0.08
CA ARG A 153 4.49 -6.23 -0.93
C ARG A 153 4.86 -6.02 -2.38
N GLU A 154 5.34 -7.07 -3.03
CA GLU A 154 5.74 -7.00 -4.43
C GLU A 154 4.51 -6.62 -5.23
N ASN A 155 4.68 -5.69 -6.15
CA ASN A 155 3.57 -4.92 -6.67
C ASN A 155 3.46 -4.94 -8.19
N SER A 156 4.26 -5.78 -8.84
CA SER A 156 4.41 -5.77 -10.28
C SER A 156 4.29 -7.14 -10.98
N GLU A 157 4.23 -8.22 -10.19
CA GLU A 157 4.14 -9.55 -10.76
C GLU A 157 3.03 -10.34 -10.13
N ASP A 158 3.22 -11.65 -10.09
CA ASP A 158 2.29 -12.57 -9.44
C ASP A 158 1.01 -12.76 -10.25
N ILE A 159 0.11 -13.58 -9.70
CA ILE A 159 -1.18 -13.86 -10.31
C ILE A 159 -1.95 -12.56 -10.44
N TYR A 160 -1.52 -11.57 -9.66
CA TYR A 160 -2.09 -10.22 -9.68
C TYR A 160 -1.88 -9.49 -11.00
N ALA A 161 -0.93 -9.96 -11.82
CA ALA A 161 -0.58 -9.30 -13.08
C ALA A 161 -1.69 -9.22 -14.14
N GLY A 162 -2.67 -10.13 -14.09
CA GLY A 162 -3.83 -10.00 -14.95
C GLY A 162 -3.79 -10.80 -16.24
N ILE A 163 -3.00 -11.87 -16.23
CA ILE A 163 -2.83 -12.74 -17.39
C ILE A 163 -3.75 -13.94 -17.25
N GLU A 164 -4.89 -13.89 -17.92
CA GLU A 164 -5.88 -14.92 -17.73
C GLU A 164 -6.92 -14.95 -18.85
N TRP A 165 -7.61 -16.07 -18.98
CA TRP A 165 -8.58 -16.26 -20.04
C TRP A 165 -9.86 -16.92 -19.57
N LYS A 166 -10.97 -16.48 -20.15
CA LYS A 166 -12.30 -16.91 -19.77
C LYS A 166 -12.56 -18.37 -20.16
N ALA A 167 -13.28 -19.07 -19.29
CA ALA A 167 -13.67 -20.44 -19.56
C ALA A 167 -14.42 -20.51 -20.88
N ASP A 168 -14.14 -21.55 -21.67
CA ASP A 168 -14.83 -21.78 -22.93
C ASP A 168 -14.47 -20.81 -24.06
N SER A 169 -13.57 -19.87 -23.79
CA SER A 169 -13.11 -18.97 -24.83
C SER A 169 -12.09 -19.68 -25.69
N ALA A 170 -12.01 -19.29 -26.96
CA ALA A 170 -11.02 -19.86 -27.85
C ALA A 170 -9.59 -19.75 -27.27
N ASP A 171 -9.27 -18.59 -26.71
CA ASP A 171 -7.97 -18.40 -26.07
C ASP A 171 -7.73 -19.40 -24.96
N ALA A 172 -8.73 -19.56 -24.09
CA ALA A 172 -8.59 -20.49 -22.97
C ALA A 172 -8.34 -21.89 -23.50
N GLU A 173 -9.16 -22.32 -24.46
CA GLU A 173 -9.00 -23.63 -25.07
C GLU A 173 -7.64 -23.80 -25.76
N LYS A 174 -7.16 -22.72 -26.37
CA LYS A 174 -5.85 -22.72 -27.00
C LYS A 174 -4.74 -23.01 -25.98
N VAL A 175 -4.78 -22.28 -24.87
CA VAL A 175 -3.80 -22.44 -23.79
C VAL A 175 -3.89 -23.85 -23.19
N ILE A 176 -5.11 -24.29 -22.93
CA ILE A 176 -5.29 -25.61 -22.36
C ILE A 176 -4.69 -26.66 -23.27
N LYS A 177 -5.01 -26.60 -24.57
CA LYS A 177 -4.46 -27.57 -25.51
C LYS A 177 -2.94 -27.57 -25.48
N PHE A 178 -2.35 -26.38 -25.44
CA PHE A 178 -0.90 -26.29 -25.44
C PHE A 178 -0.32 -26.93 -24.18
N LEU A 179 -0.97 -26.70 -23.06
CA LEU A 179 -0.53 -27.25 -21.78
C LEU A 179 -0.58 -28.77 -21.81
N ARG A 180 -1.72 -29.29 -22.26
CA ARG A 180 -1.99 -30.72 -22.28
C ARG A 180 -1.10 -31.44 -23.29
N GLU A 181 -1.11 -30.96 -24.52
CA GLU A 181 -0.44 -31.63 -25.62
C GLU A 181 1.06 -31.29 -25.75
N GLU A 182 1.43 -30.02 -25.56
CA GLU A 182 2.83 -29.64 -25.75
C GLU A 182 3.68 -29.70 -24.47
N MET A 183 3.05 -29.52 -23.31
CA MET A 183 3.80 -29.60 -22.05
C MET A 183 3.48 -30.88 -21.25
N GLY A 184 2.58 -31.70 -21.77
CA GLY A 184 2.27 -32.96 -21.12
C GLY A 184 1.70 -32.79 -19.72
N VAL A 185 0.97 -31.70 -19.53
CA VAL A 185 0.37 -31.43 -18.24
C VAL A 185 -0.81 -32.36 -18.04
N LYS A 186 -0.82 -33.10 -16.94
CA LYS A 186 -1.88 -34.07 -16.68
C LYS A 186 -2.73 -33.70 -15.47
N LYS A 187 -2.30 -32.68 -14.74
CA LYS A 187 -2.85 -32.36 -13.43
C LYS A 187 -4.06 -31.43 -13.47
N ILE A 188 -4.59 -31.17 -14.67
CA ILE A 188 -5.82 -30.38 -14.76
C ILE A 188 -7.02 -31.29 -14.67
N ARG A 189 -7.77 -31.16 -13.59
CA ARG A 189 -8.86 -32.08 -13.26
C ARG A 189 -10.04 -31.99 -14.23
N PHE A 190 -10.49 -30.77 -14.52
CA PHE A 190 -11.55 -30.59 -15.51
C PHE A 190 -11.08 -29.63 -16.60
N PRO A 191 -10.61 -30.18 -17.72
CA PRO A 191 -10.07 -29.35 -18.81
C PRO A 191 -11.16 -28.62 -19.59
N GLU A 192 -12.42 -29.02 -19.42
CA GLU A 192 -13.52 -28.34 -20.10
C GLU A 192 -14.16 -27.29 -19.21
N HIS A 193 -14.64 -26.20 -19.81
CA HIS A 193 -15.26 -25.09 -19.07
C HIS A 193 -14.35 -24.61 -17.95
N CYS A 194 -13.10 -24.35 -18.32
CA CYS A 194 -12.06 -24.10 -17.34
C CYS A 194 -11.36 -22.76 -17.63
N GLY A 195 -11.50 -21.82 -16.70
CA GLY A 195 -10.72 -20.59 -16.75
C GLY A 195 -9.25 -20.86 -16.43
N ILE A 196 -8.36 -20.06 -17.02
CA ILE A 196 -6.93 -20.21 -16.79
C ILE A 196 -6.21 -18.92 -16.38
N GLY A 197 -5.35 -19.00 -15.38
CA GLY A 197 -4.54 -17.87 -14.98
C GLY A 197 -3.04 -18.17 -14.90
N ILE A 198 -2.24 -17.16 -15.19
CA ILE A 198 -0.78 -17.29 -15.14
C ILE A 198 -0.19 -16.54 -13.95
N LYS A 199 0.74 -17.20 -13.26
CA LYS A 199 1.41 -16.62 -12.10
C LYS A 199 2.92 -16.56 -12.36
N PRO A 200 3.43 -15.39 -12.77
CA PRO A 200 4.87 -15.21 -13.00
C PRO A 200 5.58 -14.67 -11.77
N CYS A 201 6.82 -15.08 -11.58
CA CYS A 201 7.61 -14.58 -10.47
C CYS A 201 9.07 -14.64 -10.88
N SER A 202 9.70 -13.48 -10.99
CA SER A 202 11.03 -13.44 -11.53
C SER A 202 12.08 -13.13 -10.46
N GLU A 203 13.33 -13.37 -10.80
CA GLU A 203 14.40 -13.09 -9.86
C GLU A 203 14.59 -11.58 -9.71
N GLU A 204 14.48 -10.84 -10.81
CA GLU A 204 14.72 -9.41 -10.72
C GLU A 204 13.61 -8.74 -9.92
N GLY A 205 12.39 -9.21 -10.12
CA GLY A 205 11.24 -8.68 -9.40
C GLY A 205 11.38 -8.96 -7.91
N THR A 206 11.72 -10.19 -7.57
CA THR A 206 11.89 -10.55 -6.17
C THR A 206 12.96 -9.70 -5.50
N LYS A 207 14.12 -9.60 -6.14
CA LYS A 207 15.25 -8.99 -5.45
C LYS A 207 15.11 -7.49 -5.26
N ARG A 208 14.42 -6.82 -6.18
CA ARG A 208 14.29 -5.38 -6.03
C ARG A 208 13.34 -5.07 -4.88
N LEU A 209 12.37 -5.94 -4.67
CA LEU A 209 11.42 -5.78 -3.58
C LEU A 209 12.10 -6.10 -2.25
N VAL A 210 12.83 -7.20 -2.19
CA VAL A 210 13.50 -7.58 -0.95
C VAL A 210 14.61 -6.60 -0.56
N ARG A 211 15.35 -6.12 -1.56
CA ARG A 211 16.37 -5.10 -1.34
C ARG A 211 15.76 -3.91 -0.60
N ALA A 212 14.60 -3.48 -1.06
CA ALA A 212 13.96 -2.32 -0.50
C ALA A 212 13.58 -2.59 0.94
N ALA A 213 13.07 -3.79 1.18
CA ALA A 213 12.64 -4.19 2.51
C ALA A 213 13.82 -4.17 3.47
N ILE A 214 14.93 -4.78 3.06
CA ILE A 214 16.10 -4.81 3.93
C ILE A 214 16.67 -3.40 4.17
N GLU A 215 16.75 -2.59 3.13
CA GLU A 215 17.21 -1.23 3.31
C GLU A 215 16.34 -0.48 4.31
N TYR A 216 15.03 -0.72 4.25
CA TYR A 216 14.13 -0.03 5.16
C TYR A 216 14.41 -0.46 6.59
N ALA A 217 14.68 -1.75 6.77
CA ALA A 217 14.96 -2.28 8.09
C ALA A 217 16.24 -1.68 8.68
N ILE A 218 17.21 -1.43 7.82
CA ILE A 218 18.49 -0.86 8.26
C ILE A 218 18.34 0.62 8.55
N ALA A 219 17.68 1.34 7.65
CA ALA A 219 17.43 2.75 7.83
C ALA A 219 16.52 3.03 9.03
N ASN A 220 15.79 2.03 9.49
CA ASN A 220 14.83 2.27 10.57
C ASN A 220 15.09 1.46 11.80
N ASP A 221 16.26 0.82 11.83
CA ASP A 221 16.66 0.03 12.98
C ASP A 221 15.52 -0.91 13.39
N ARG A 222 15.09 -1.74 12.46
CA ARG A 222 14.08 -2.77 12.73
C ARG A 222 14.75 -4.09 13.10
N ASP A 223 14.00 -4.98 13.74
CA ASP A 223 14.57 -6.19 14.32
C ASP A 223 14.77 -7.34 13.33
N SER A 224 13.85 -7.47 12.38
CA SER A 224 13.90 -8.60 11.46
C SER A 224 13.12 -8.37 10.18
N VAL A 225 13.40 -9.22 9.19
CA VAL A 225 12.70 -9.20 7.93
C VAL A 225 12.20 -10.61 7.67
N THR A 226 10.89 -10.77 7.52
CA THR A 226 10.33 -12.10 7.32
C THR A 226 9.85 -12.25 5.90
N LEU A 227 10.43 -13.20 5.20
CA LEU A 227 9.96 -13.63 3.89
C LEU A 227 8.75 -14.54 4.04
N VAL A 228 7.62 -14.10 3.49
CA VAL A 228 6.39 -14.88 3.58
C VAL A 228 6.05 -15.44 2.20
N HIS A 229 5.76 -16.73 2.15
CA HIS A 229 5.65 -17.43 0.88
C HIS A 229 4.90 -18.74 1.07
N LYS A 230 4.47 -19.33 -0.03
CA LYS A 230 3.86 -20.65 -0.01
C LYS A 230 4.69 -21.62 -0.85
N GLY A 231 5.98 -21.70 -0.55
CA GLY A 231 6.96 -22.38 -1.38
C GLY A 231 7.02 -23.90 -1.34
N ASN A 232 6.27 -24.51 -0.43
CA ASN A 232 6.13 -25.96 -0.44
C ASN A 232 5.15 -26.45 -1.52
N ILE A 233 4.15 -25.62 -1.85
CA ILE A 233 3.14 -25.99 -2.83
C ILE A 233 3.48 -25.35 -4.17
N MET A 234 3.86 -24.08 -4.12
CA MET A 234 4.30 -23.36 -5.29
C MET A 234 5.81 -23.22 -5.24
N LYS A 235 6.49 -24.32 -5.52
CA LYS A 235 7.94 -24.40 -5.39
C LYS A 235 8.70 -23.39 -6.23
N PHE A 236 8.21 -23.11 -7.43
CA PHE A 236 9.03 -22.39 -8.43
C PHE A 236 8.66 -20.93 -8.56
N THR A 237 7.67 -20.52 -7.80
CA THR A 237 7.30 -19.12 -7.75
C THR A 237 7.51 -18.63 -6.31
N GLU A 238 6.61 -19.03 -5.41
CA GLU A 238 6.71 -18.69 -4.00
C GLU A 238 8.00 -19.19 -3.35
N GLY A 239 8.42 -20.41 -3.68
CA GLY A 239 9.65 -20.95 -3.14
C GLY A 239 10.88 -20.27 -3.75
N ALA A 240 10.78 -19.94 -5.03
CA ALA A 240 11.81 -19.16 -5.70
C ALA A 240 11.98 -17.82 -4.99
N PHE A 241 10.87 -17.17 -4.68
CA PHE A 241 10.87 -15.90 -3.97
C PHE A 241 11.68 -15.98 -2.67
N LYS A 242 11.39 -17.00 -1.87
CA LYS A 242 12.14 -17.21 -0.65
C LYS A 242 13.64 -17.40 -0.91
N ASP A 243 13.99 -18.27 -1.85
CA ASP A 243 15.40 -18.53 -2.18
C ASP A 243 16.15 -17.28 -2.61
N TRP A 244 15.60 -16.57 -3.60
CA TRP A 244 16.15 -15.31 -4.06
C TRP A 244 16.29 -14.30 -2.92
N GLY A 245 15.30 -14.20 -2.05
CA GLY A 245 15.33 -13.24 -0.97
C GLY A 245 16.51 -13.45 -0.03
N TYR A 246 16.78 -14.70 0.30
CA TYR A 246 17.88 -15.06 1.19
C TYR A 246 19.19 -14.85 0.44
N GLN A 247 19.18 -15.20 -0.84
CA GLN A 247 20.37 -15.06 -1.64
C GLN A 247 20.79 -13.61 -1.71
N LEU A 248 19.80 -12.73 -1.82
CA LEU A 248 20.05 -11.32 -1.90
C LEU A 248 20.65 -10.83 -0.60
N ALA A 249 20.04 -11.23 0.50
CA ALA A 249 20.52 -10.85 1.82
C ALA A 249 21.99 -11.24 1.96
N ARG A 250 22.35 -12.40 1.44
CA ARG A 250 23.71 -12.88 1.54
C ARG A 250 24.64 -12.08 0.65
N GLU A 251 24.29 -11.96 -0.62
CA GLU A 251 25.14 -11.33 -1.62
C GLU A 251 25.29 -9.81 -1.50
N GLU A 252 24.26 -9.13 -1.00
CA GLU A 252 24.31 -7.66 -0.96
C GLU A 252 24.37 -7.06 0.44
N PHE A 253 24.07 -7.85 1.46
CA PHE A 253 24.04 -7.30 2.82
C PHE A 253 24.84 -8.12 3.82
N GLY A 254 25.70 -8.99 3.28
CA GLY A 254 26.60 -9.80 4.09
C GLY A 254 25.89 -10.66 5.10
N GLY A 255 24.70 -11.13 4.74
CA GLY A 255 23.93 -12.00 5.62
C GLY A 255 24.67 -13.28 5.95
N GLU A 256 24.54 -13.70 7.20
CA GLU A 256 25.24 -14.88 7.68
C GLU A 256 24.31 -15.86 8.35
N LEU A 257 24.61 -17.13 8.18
CA LEU A 257 23.86 -18.19 8.84
C LEU A 257 23.61 -17.93 10.31
N ILE A 258 22.44 -18.36 10.76
CA ILE A 258 22.23 -18.58 12.17
C ILE A 258 22.14 -20.08 12.31
N ASP A 259 23.04 -20.67 13.10
CA ASP A 259 23.00 -22.12 13.29
C ASP A 259 23.12 -22.81 11.92
N GLY A 260 22.15 -23.63 11.57
CA GLY A 260 22.14 -24.31 10.29
C GLY A 260 21.25 -23.61 9.27
N GLY A 261 20.71 -22.46 9.65
CA GLY A 261 19.84 -21.70 8.76
C GLY A 261 18.44 -22.27 8.58
N PRO A 262 17.75 -21.84 7.53
CA PRO A 262 18.31 -20.88 6.56
C PRO A 262 18.24 -19.45 7.06
N TRP A 263 17.90 -19.23 8.32
CA TRP A 263 17.79 -17.86 8.81
C TRP A 263 19.15 -17.20 8.79
N LEU A 264 19.17 -15.90 8.50
CA LEU A 264 20.42 -15.16 8.43
C LEU A 264 20.49 -14.06 9.47
N LYS A 265 21.72 -13.67 9.80
CA LYS A 265 21.99 -12.44 10.55
C LYS A 265 22.55 -11.41 9.58
N VAL A 266 21.96 -10.23 9.59
CA VAL A 266 22.50 -9.12 8.81
C VAL A 266 22.81 -8.00 9.77
N LYS A 267 24.05 -7.53 9.73
CA LYS A 267 24.53 -6.50 10.67
C LYS A 267 24.17 -5.12 10.16
N ASN A 268 23.45 -4.38 10.99
CA ASN A 268 23.13 -2.99 10.67
C ASN A 268 24.39 -2.13 10.63
N PRO A 269 24.73 -1.60 9.45
CA PRO A 269 25.94 -0.80 9.25
C PRO A 269 25.99 0.38 10.21
N ASN A 270 24.84 1.00 10.48
CA ASN A 270 24.79 2.13 11.39
C ASN A 270 24.79 1.70 12.84
N THR A 271 23.70 1.09 13.28
CA THR A 271 23.52 0.79 14.69
C THR A 271 24.28 -0.46 15.15
N GLY A 272 24.71 -1.29 14.20
CA GLY A 272 25.37 -2.54 14.54
C GLY A 272 24.45 -3.61 15.11
N LYS A 273 23.14 -3.35 15.11
CA LYS A 273 22.15 -4.35 15.49
C LYS A 273 22.16 -5.52 14.50
N GLU A 274 21.95 -6.73 15.02
CA GLU A 274 21.80 -7.90 14.17
C GLU A 274 20.35 -8.04 13.71
N ILE A 275 20.14 -7.84 12.42
CA ILE A 275 18.80 -7.98 11.85
C ILE A 275 18.60 -9.40 11.40
N VAL A 276 17.58 -10.05 11.94
CA VAL A 276 17.29 -11.42 11.55
C VAL A 276 16.51 -11.51 10.24
N ILE A 277 17.00 -12.35 9.34
CA ILE A 277 16.28 -12.62 8.11
C ILE A 277 15.70 -14.01 8.20
N LYS A 278 14.38 -14.10 8.29
CA LYS A 278 13.73 -15.40 8.40
C LYS A 278 12.60 -15.55 7.39
N ASP A 279 11.98 -16.73 7.39
CA ASP A 279 10.86 -16.99 6.49
C ASP A 279 9.78 -17.77 7.21
N VAL A 280 8.54 -17.61 6.76
CA VAL A 280 7.41 -18.35 7.30
C VAL A 280 6.45 -18.67 6.16
N ILE A 281 5.86 -19.86 6.19
CA ILE A 281 4.86 -20.22 5.18
C ILE A 281 3.58 -19.42 5.39
N ALA A 282 2.96 -18.99 4.28
CA ALA A 282 1.89 -17.99 4.31
C ALA A 282 0.67 -18.29 5.20
N ASP A 283 0.17 -19.53 5.19
CA ASP A 283 -0.98 -19.87 6.04
C ASP A 283 -0.60 -19.82 7.52
N ALA A 284 0.55 -20.42 7.85
CA ALA A 284 1.06 -20.42 9.21
C ALA A 284 1.24 -18.98 9.71
N PHE A 285 1.78 -18.12 8.86
CA PHE A 285 1.95 -16.73 9.18
C PHE A 285 0.65 -16.05 9.67
N LEU A 286 -0.50 -16.44 9.11
CA LEU A 286 -1.75 -15.82 9.49
C LEU A 286 -2.17 -16.20 10.92
N GLN A 287 -1.68 -17.33 11.41
CA GLN A 287 -1.85 -17.65 12.82
C GLN A 287 -0.77 -16.91 13.62
N GLN A 288 0.45 -16.95 13.11
CA GLN A 288 1.59 -16.35 13.76
C GLN A 288 1.35 -14.88 14.14
N ILE A 289 0.73 -14.11 13.26
CA ILE A 289 0.57 -12.68 13.52
C ILE A 289 -0.42 -12.44 14.65
N LEU A 290 -1.33 -13.39 14.86
CA LEU A 290 -2.34 -13.27 15.89
C LEU A 290 -1.82 -13.83 17.19
N LEU A 291 -0.99 -14.85 17.10
CA LEU A 291 -0.59 -15.59 18.29
C LEU A 291 0.78 -15.18 18.81
N ARG A 292 1.63 -14.69 17.92
CA ARG A 292 2.95 -14.25 18.30
C ARG A 292 3.37 -12.96 17.59
N PRO A 293 2.52 -11.92 17.65
CA PRO A 293 2.77 -10.68 16.90
C PRO A 293 4.13 -10.06 17.14
N ALA A 294 4.61 -10.08 18.38
CA ALA A 294 5.85 -9.39 18.72
C ALA A 294 7.05 -9.96 17.97
N GLU A 295 6.92 -11.19 17.51
CA GLU A 295 8.04 -11.85 16.84
C GLU A 295 8.24 -11.35 15.40
N TYR A 296 7.32 -10.50 14.92
CA TYR A 296 7.37 -10.00 13.55
C TYR A 296 7.52 -8.50 13.42
N ASP A 297 8.20 -8.10 12.34
CA ASP A 297 8.57 -6.71 12.14
C ASP A 297 8.36 -6.23 10.71
N VAL A 298 9.42 -6.27 9.92
CA VAL A 298 9.30 -6.03 8.49
C VAL A 298 8.90 -7.31 7.74
N ILE A 299 7.92 -7.18 6.85
CA ILE A 299 7.39 -8.30 6.07
C ILE A 299 7.66 -8.11 4.59
N ALA A 300 8.26 -9.10 3.94
CA ALA A 300 8.43 -9.04 2.50
C ALA A 300 7.69 -10.22 1.87
N CYS A 301 6.79 -9.91 0.95
CA CYS A 301 5.99 -10.97 0.37
C CYS A 301 5.57 -10.60 -1.03
N MET A 302 4.96 -11.55 -1.73
CA MET A 302 4.49 -11.32 -3.10
C MET A 302 3.14 -10.62 -3.13
N ASN A 303 2.66 -10.39 -4.35
CA ASN A 303 1.56 -9.49 -4.60
C ASN A 303 0.27 -9.91 -3.91
N LEU A 304 -0.11 -11.16 -4.10
CA LEU A 304 -1.36 -11.68 -3.56
C LEU A 304 -1.29 -11.83 -2.03
N ASN A 305 -0.21 -12.46 -1.56
CA ASN A 305 -0.01 -12.63 -0.12
C ASN A 305 0.00 -11.32 0.64
N GLY A 306 0.72 -10.33 0.12
CA GLY A 306 0.76 -9.02 0.75
C GLY A 306 -0.62 -8.42 0.88
N ASP A 307 -1.47 -8.67 -0.11
CA ASP A 307 -2.83 -8.17 -0.12
C ASP A 307 -3.64 -8.79 1.01
N TYR A 308 -3.55 -10.11 1.16
CA TYR A 308 -4.23 -10.81 2.24
C TYR A 308 -3.69 -10.40 3.60
N ILE A 309 -2.37 -10.30 3.72
CA ILE A 309 -1.75 -9.98 4.99
C ILE A 309 -2.12 -8.59 5.47
N SER A 310 -2.10 -7.64 4.55
CA SER A 310 -2.45 -6.25 4.86
C SER A 310 -3.79 -6.11 5.54
N ASP A 311 -4.81 -6.81 5.04
CA ASP A 311 -6.13 -6.68 5.61
C ASP A 311 -6.21 -7.40 6.95
N ALA A 312 -5.60 -8.57 7.03
CA ALA A 312 -5.62 -9.32 8.27
C ALA A 312 -4.88 -8.56 9.39
N LEU A 313 -3.73 -7.98 9.06
CA LEU A 313 -2.98 -7.22 10.04
C LEU A 313 -3.72 -5.98 10.48
N ALA A 314 -4.24 -5.25 9.52
CA ALA A 314 -5.02 -4.06 9.78
C ALA A 314 -6.15 -4.34 10.78
N ALA A 315 -6.83 -5.48 10.61
CA ALA A 315 -7.94 -5.84 11.48
C ALA A 315 -7.48 -5.94 12.93
N GLN A 316 -6.25 -6.40 13.14
CA GLN A 316 -5.72 -6.60 14.49
C GLN A 316 -5.62 -5.28 15.21
N VAL A 317 -5.60 -4.19 14.45
CA VAL A 317 -5.18 -2.93 14.99
C VAL A 317 -6.26 -1.83 14.78
N GLY A 318 -7.47 -2.24 14.42
CA GLY A 318 -8.57 -1.31 14.26
C GLY A 318 -9.29 -1.42 12.93
N GLY A 319 -8.70 -2.16 12.00
CA GLY A 319 -9.31 -2.36 10.69
C GLY A 319 -8.78 -1.39 9.65
N ILE A 320 -9.26 -1.52 8.41
CA ILE A 320 -8.63 -0.81 7.30
C ILE A 320 -9.05 0.65 7.15
N GLY A 321 -9.86 1.13 8.09
CA GLY A 321 -10.11 2.56 8.16
C GLY A 321 -8.93 3.28 8.79
N ILE A 322 -7.99 2.51 9.36
CA ILE A 322 -6.75 3.11 9.85
C ILE A 322 -5.48 2.43 9.29
N ALA A 323 -5.45 2.25 7.97
CA ALA A 323 -4.37 1.51 7.32
C ALA A 323 -3.82 2.24 6.10
N PRO A 324 -2.69 2.93 6.27
CA PRO A 324 -2.14 3.71 5.16
C PRO A 324 -1.25 2.85 4.25
N GLY A 325 -0.98 3.34 3.05
CA GLY A 325 0.04 2.71 2.25
C GLY A 325 0.60 3.59 1.15
N ALA A 326 1.60 3.08 0.45
CA ALA A 326 2.19 3.78 -0.66
C ALA A 326 2.51 2.80 -1.78
N ASN A 327 2.47 3.29 -3.00
CA ASN A 327 3.04 2.56 -4.11
C ASN A 327 4.25 3.34 -4.53
N ILE A 328 5.40 2.70 -4.45
CA ILE A 328 6.64 3.40 -4.63
C ILE A 328 7.48 2.74 -5.71
N GLY A 329 7.97 3.56 -6.62
CA GLY A 329 8.90 3.11 -7.65
C GLY A 329 10.20 3.87 -7.55
N ASP A 330 11.01 3.79 -8.60
CA ASP A 330 12.32 4.44 -8.62
C ASP A 330 12.18 5.90 -9.02
N GLU A 331 11.12 6.20 -9.75
CA GLU A 331 10.92 7.54 -10.30
C GLU A 331 9.78 8.35 -9.64
N CYS A 332 8.90 7.68 -8.91
CA CYS A 332 7.82 8.40 -8.23
C CYS A 332 7.08 7.55 -7.21
N ALA A 333 6.14 8.16 -6.51
CA ALA A 333 5.44 7.51 -5.42
C ALA A 333 4.00 8.01 -5.41
N LEU A 334 3.08 7.08 -5.22
CA LEU A 334 1.68 7.38 -5.22
C LEU A 334 1.16 6.82 -3.91
N PHE A 335 0.66 7.68 -3.04
CA PHE A 335 0.17 7.26 -1.74
C PHE A 335 -1.33 7.04 -1.81
N GLU A 336 -1.82 6.05 -1.07
CA GLU A 336 -3.23 5.67 -1.06
C GLU A 336 -3.47 4.76 0.12
N ALA A 337 -4.68 4.79 0.66
CA ALA A 337 -5.08 3.84 1.70
C ALA A 337 -5.08 2.38 1.23
N THR A 338 -4.99 1.47 2.19
CA THR A 338 -5.09 0.04 1.93
C THR A 338 -6.50 -0.32 1.43
N HIS A 339 -7.52 0.35 1.94
CA HIS A 339 -8.91 0.02 1.62
C HIS A 339 -9.34 0.43 0.24
N GLY A 340 -10.50 -0.09 -0.16
CA GLY A 340 -11.08 0.20 -1.44
C GLY A 340 -12.26 1.14 -1.34
N THR A 341 -13.16 1.06 -2.31
CA THR A 341 -14.14 2.11 -2.55
C THR A 341 -15.40 2.02 -1.72
N ALA A 342 -15.50 0.94 -0.94
CA ALA A 342 -16.66 0.61 -0.12
C ALA A 342 -17.92 1.34 -0.55
N PRO A 343 -18.45 0.95 -1.73
CA PRO A 343 -19.50 1.69 -2.44
C PRO A 343 -20.80 1.79 -1.64
N LYS A 344 -21.03 0.79 -0.80
CA LYS A 344 -22.22 0.69 0.04
C LYS A 344 -22.33 1.81 1.06
N TYR A 345 -21.21 2.51 1.32
CA TYR A 345 -21.21 3.64 2.24
C TYR A 345 -20.95 4.94 1.48
N ALA A 346 -20.69 4.84 0.18
CA ALA A 346 -20.25 6.00 -0.59
C ALA A 346 -21.21 7.20 -0.56
N GLY A 347 -20.66 8.38 -0.24
CA GLY A 347 -21.43 9.60 -0.18
C GLY A 347 -22.07 9.89 1.17
N GLN A 348 -21.97 8.94 2.09
CA GLN A 348 -22.63 9.06 3.39
C GLN A 348 -21.87 9.84 4.49
N ASP A 349 -20.64 10.26 4.19
CA ASP A 349 -19.81 10.99 5.16
C ASP A 349 -19.64 10.16 6.43
N LYS A 350 -19.37 8.87 6.23
CA LYS A 350 -19.48 7.90 7.32
C LYS A 350 -18.17 7.18 7.63
N VAL A 351 -17.36 6.92 6.61
CA VAL A 351 -16.18 6.09 6.79
C VAL A 351 -15.04 6.82 7.48
N ASN A 352 -14.07 6.03 7.92
CA ASN A 352 -12.90 6.55 8.57
C ASN A 352 -11.94 7.12 7.54
N PRO A 353 -11.59 8.41 7.66
CA PRO A 353 -10.62 9.02 6.75
C PRO A 353 -9.19 8.81 7.24
N GLY A 354 -9.07 8.05 8.31
CA GLY A 354 -7.77 7.80 8.90
C GLY A 354 -6.73 7.20 7.98
N SER A 355 -7.15 6.25 7.15
CA SER A 355 -6.21 5.51 6.32
C SER A 355 -5.58 6.42 5.28
N ILE A 356 -6.42 7.12 4.53
CA ILE A 356 -5.92 8.06 3.56
C ILE A 356 -5.15 9.20 4.25
N ILE A 357 -5.64 9.64 5.41
CA ILE A 357 -4.93 10.67 6.14
C ILE A 357 -3.53 10.20 6.53
N LEU A 358 -3.42 8.96 7.01
CA LEU A 358 -2.12 8.48 7.40
C LEU A 358 -1.25 8.19 6.18
N SER A 359 -1.87 8.04 5.02
CA SER A 359 -1.11 7.87 3.79
C SER A 359 -0.47 9.20 3.43
N ALA A 360 -1.22 10.29 3.59
CA ALA A 360 -0.67 11.61 3.43
C ALA A 360 0.43 11.84 4.47
N GLU A 361 0.22 11.33 5.68
CA GLU A 361 1.28 11.35 6.68
C GLU A 361 2.57 10.73 6.14
N MET A 362 2.46 9.56 5.51
CA MET A 362 3.63 8.93 4.87
C MET A 362 4.18 9.80 3.74
N MET A 363 3.29 10.43 3.00
CA MET A 363 3.70 11.27 1.89
C MET A 363 4.54 12.42 2.40
N LEU A 364 4.05 13.09 3.45
CA LEU A 364 4.76 14.19 4.06
C LEU A 364 6.14 13.77 4.51
N ARG A 365 6.19 12.65 5.23
CA ARG A 365 7.48 12.11 5.67
C ARG A 365 8.36 11.87 4.45
N HIS A 366 7.80 11.23 3.43
CA HIS A 366 8.50 11.02 2.17
C HIS A 366 9.06 12.34 1.63
N MET A 367 8.28 13.41 1.78
CA MET A 367 8.71 14.73 1.31
C MET A 367 9.70 15.40 2.24
N GLY A 368 10.01 14.77 3.37
CA GLY A 368 10.90 15.37 4.34
C GLY A 368 10.24 16.46 5.19
N TRP A 369 8.92 16.57 5.08
CA TRP A 369 8.15 17.46 5.94
C TRP A 369 7.71 16.72 7.21
N THR A 370 8.70 16.24 7.96
CA THR A 370 8.43 15.41 9.12
C THR A 370 7.66 16.11 10.23
N GLU A 371 7.78 17.42 10.30
CA GLU A 371 7.11 18.19 11.35
C GLU A 371 5.61 18.17 11.12
N ALA A 372 5.21 18.43 9.88
CA ALA A 372 3.79 18.32 9.54
C ALA A 372 3.30 16.90 9.79
N ALA A 373 4.09 15.89 9.43
CA ALA A 373 3.68 14.51 9.60
C ALA A 373 3.41 14.22 11.06
N ASP A 374 4.29 14.71 11.92
CA ASP A 374 4.16 14.43 13.35
C ASP A 374 2.90 15.07 13.89
N LEU A 375 2.52 16.21 13.33
CA LEU A 375 1.27 16.85 13.73
C LEU A 375 0.06 15.99 13.38
N ILE A 376 0.11 15.30 12.25
CA ILE A 376 -1.00 14.42 11.88
C ILE A 376 -1.13 13.25 12.86
N VAL A 377 -0.01 12.59 13.15
CA VAL A 377 0.00 11.52 14.12
C VAL A 377 -0.56 12.00 15.45
N LYS A 378 -0.11 13.17 15.89
CA LYS A 378 -0.56 13.72 17.16
C LYS A 378 -2.06 13.93 17.16
N GLY A 379 -2.56 14.54 16.09
CA GLY A 379 -3.98 14.79 15.95
C GLY A 379 -4.80 13.52 15.97
N MET A 380 -4.30 12.50 15.28
CA MET A 380 -4.96 11.20 15.27
C MET A 380 -5.07 10.62 16.67
N GLU A 381 -3.96 10.56 17.38
CA GLU A 381 -3.97 10.00 18.72
C GLU A 381 -4.87 10.80 19.65
N GLY A 382 -4.83 12.11 19.54
CA GLY A 382 -5.73 12.93 20.32
C GLY A 382 -7.19 12.59 20.04
N ALA A 383 -7.58 12.62 18.77
CA ALA A 383 -8.97 12.40 18.43
C ALA A 383 -9.49 11.02 18.89
N ILE A 384 -8.64 10.00 18.73
CA ILE A 384 -9.01 8.65 19.13
C ILE A 384 -9.09 8.54 20.65
N ASN A 385 -8.09 9.08 21.33
CA ASN A 385 -8.10 9.07 22.77
C ASN A 385 -9.31 9.80 23.35
N ALA A 386 -9.80 10.81 22.63
CA ALA A 386 -10.97 11.56 23.01
C ALA A 386 -12.26 10.75 22.80
N LYS A 387 -12.11 9.53 22.30
CA LYS A 387 -13.23 8.64 21.98
C LYS A 387 -14.27 9.35 21.11
N THR A 388 -13.81 10.26 20.26
CA THR A 388 -14.70 10.88 19.29
C THR A 388 -14.35 10.36 17.91
N VAL A 389 -15.16 9.44 17.40
CA VAL A 389 -14.73 8.61 16.29
C VAL A 389 -15.81 8.24 15.29
N THR A 390 -15.38 7.69 14.16
CA THR A 390 -16.24 7.18 13.11
C THR A 390 -16.81 5.78 13.42
N TYR A 391 -17.81 5.37 12.62
CA TYR A 391 -18.63 4.19 12.89
C TYR A 391 -17.81 2.92 13.19
N ASP A 392 -16.74 2.71 12.44
CA ASP A 392 -15.97 1.47 12.55
C ASP A 392 -15.28 1.33 13.91
N PHE A 393 -14.94 2.44 14.53
CA PHE A 393 -14.34 2.41 15.85
C PHE A 393 -15.43 2.42 16.90
N GLU A 394 -16.45 3.24 16.65
CA GLU A 394 -17.53 3.40 17.59
C GLU A 394 -18.18 2.04 17.97
N ARG A 395 -18.39 1.17 16.98
CA ARG A 395 -19.09 -0.09 17.22
C ARG A 395 -18.28 -1.12 18.01
N LEU A 396 -17.04 -0.79 18.36
CA LEU A 396 -16.19 -1.70 19.12
C LEU A 396 -15.90 -1.08 20.47
N MET A 397 -16.73 -0.11 20.85
CA MET A 397 -16.40 0.79 21.93
C MET A 397 -17.59 1.21 22.76
N ASP A 398 -17.39 1.26 24.07
CA ASP A 398 -18.42 1.76 24.95
C ASP A 398 -18.18 3.23 25.24
N GLY A 399 -19.26 4.00 25.19
CA GLY A 399 -19.20 5.41 25.53
C GLY A 399 -18.33 6.25 24.62
N ALA A 400 -18.41 6.02 23.32
CA ALA A 400 -17.77 6.90 22.36
C ALA A 400 -18.80 7.78 21.67
N LYS A 401 -18.40 9.00 21.32
CA LYS A 401 -19.20 9.88 20.51
C LYS A 401 -18.99 9.54 19.03
N LEU A 402 -20.08 9.31 18.30
CA LEU A 402 -19.98 8.93 16.88
C LEU A 402 -19.89 10.15 15.99
N LEU A 403 -18.76 10.29 15.31
CA LEU A 403 -18.55 11.41 14.39
C LEU A 403 -18.70 11.00 12.92
N LYS A 404 -19.13 11.94 12.08
CA LYS A 404 -19.06 11.76 10.65
C LYS A 404 -17.59 11.90 10.16
N CYS A 405 -17.34 11.43 8.95
CA CYS A 405 -16.02 11.50 8.34
C CYS A 405 -15.41 12.92 8.32
N SER A 406 -16.18 13.89 7.86
CA SER A 406 -15.72 15.27 7.88
C SER A 406 -15.47 15.74 9.31
N GLU A 407 -16.35 15.33 10.23
CA GLU A 407 -16.22 15.73 11.61
C GLU A 407 -14.94 15.19 12.23
N PHE A 408 -14.65 13.92 11.97
CA PHE A 408 -13.44 13.31 12.52
C PHE A 408 -12.21 14.01 11.97
N GLY A 409 -12.31 14.49 10.73
CA GLY A 409 -11.25 15.31 10.15
C GLY A 409 -10.97 16.50 11.04
N ASP A 410 -12.00 17.24 11.36
CA ASP A 410 -11.88 18.39 12.23
C ASP A 410 -11.36 18.00 13.61
N ALA A 411 -11.83 16.87 14.12
CA ALA A 411 -11.34 16.39 15.41
C ALA A 411 -9.81 16.25 15.40
N ILE A 412 -9.27 15.78 14.28
CA ILE A 412 -7.84 15.54 14.19
C ILE A 412 -7.11 16.88 14.27
N ILE A 413 -7.63 17.86 13.54
CA ILE A 413 -7.09 19.21 13.56
C ILE A 413 -7.15 19.81 14.97
N GLU A 414 -8.30 19.69 15.62
CA GLU A 414 -8.45 20.17 16.99
C GLU A 414 -7.37 19.62 17.94
N ASN A 415 -6.94 18.38 17.70
CA ASN A 415 -5.94 17.76 18.58
C ASN A 415 -4.50 17.91 18.12
N MET A 416 -4.29 18.68 17.06
CA MET A 416 -2.94 19.06 16.67
C MET A 416 -2.38 20.11 17.64
#